data_8R4Y
#
_entry.id   8R4Y
#
_cell.length_a   141.477
_cell.length_b   141.477
_cell.length_c   141.477
_cell.angle_alpha   90.000
_cell.angle_beta   90.000
_cell.angle_gamma   90.000
#
_symmetry.space_group_name_H-M   'P 21 3'
#
loop_
_entity.id
_entity.type
_entity.pdbx_description
1 polymer 'Vacuolar-sorting receptor 1'
2 branched alpha-D-mannopyranose-(1-3)-beta-D-mannopyranose-(1-4)-2-acetamido-2-deoxy-beta-D-glucopyranose-(1-4)-2-acetamido-2-deoxy-beta-D-glucopyranose
3 non-polymer alpha-D-mannopyranose
4 non-polymer 2-acetamido-2-deoxy-beta-D-glucopyranose
#
_entity_poly.entity_id   1
_entity_poly.type   'polypeptide(L)'
_entity_poly.pdbx_seq_one_letter_code
;RFVVEKNNLKVTSPDSIKGIYECAIGNFGVPQYGGTLVGTVVYPKSNQKACKSYSDFDISFKSKPGRLPTFVLIDRGDCY
FTLKAWIAQQAGAAAILVADSKAEPLITMDTPEEDKSDADYLQNITIPSALITKTLGDSIKSALSGGDMVNMKLDWTESV
PHPDERVEYELWTNSNDECGKKCDTQIEFLKNFKGAAQILEKGGHTQFTPHYITWYCPEAFTLSKQCKSQCINHGRYCAP
DPEQDFTKGYDGKDVVVQNLRQACVYRVMNDTGKPWVWWDYVTDFAIRCPMKEKKYTKECADGIIKSLGIDLKKVDKCIG
DPEADVENPVLKAEQESQIGKGSRGDVTILPTLVVNNRQYRGKLEKGAVLKAMCSGFQESTEPAICLTEDLETNECLENN
GGCWQDKAANITACRDTFRGRLCECPTVQGVKFVGDGYTHCKASGALHCGINNGGCWRESRGGFTYSACVDDHSKDCKCP
LGFKGDGVKNCEDVDECKEKTVCQCPECKCKNTWGSYECSCSNGLLYMREHDTCIGSGKVGTTK
;
_entity_poly.pdbx_strand_id   A
#
# COMPACT_ATOMS: atom_id res chain seq x y z
N ARG A 1 -4.85 -10.22 -19.54
CA ARG A 1 -3.96 -10.63 -18.46
C ARG A 1 -2.50 -10.28 -18.75
N PHE A 2 -2.28 -9.17 -19.44
CA PHE A 2 -0.94 -8.72 -19.80
C PHE A 2 -0.80 -7.25 -19.49
N VAL A 3 0.23 -6.89 -18.73
CA VAL A 3 0.54 -5.50 -18.39
C VAL A 3 1.51 -4.94 -19.43
N VAL A 4 1.20 -3.77 -19.97
CA VAL A 4 1.99 -3.19 -21.05
C VAL A 4 3.17 -2.44 -20.47
N GLU A 5 4.37 -2.74 -20.97
CA GLU A 5 5.59 -2.05 -20.57
C GLU A 5 6.44 -1.79 -21.80
N LYS A 6 6.90 -0.55 -21.96
CA LYS A 6 7.56 -0.15 -23.21
C LYS A 6 9.02 -0.56 -23.26
N ASN A 7 9.81 -0.15 -22.27
CA ASN A 7 11.25 -0.37 -22.33
C ASN A 7 11.66 -1.82 -22.08
N ASN A 8 10.71 -2.73 -21.87
CA ASN A 8 11.07 -4.10 -21.54
C ASN A 8 11.72 -4.81 -22.72
N LEU A 9 11.18 -4.64 -23.92
CA LEU A 9 11.64 -5.36 -25.09
C LEU A 9 12.64 -4.51 -25.87
N LYS A 10 13.76 -5.12 -26.24
CA LYS A 10 14.78 -4.49 -27.07
C LYS A 10 15.38 -5.55 -27.98
N VAL A 11 15.71 -5.15 -29.20
CA VAL A 11 16.26 -6.05 -30.20
C VAL A 11 17.69 -5.63 -30.49
N THR A 12 18.61 -6.60 -30.43
CA THR A 12 20.02 -6.34 -30.68
C THR A 12 20.41 -6.56 -32.15
N SER A 13 19.80 -7.55 -32.80
CA SER A 13 20.08 -7.86 -34.19
C SER A 13 18.83 -8.50 -34.79
N PRO A 14 18.61 -8.35 -36.11
CA PRO A 14 19.41 -7.64 -37.12
C PRO A 14 19.44 -6.14 -36.90
N ASP A 15 20.45 -5.46 -37.44
CA ASP A 15 20.60 -4.02 -37.21
C ASP A 15 19.50 -3.21 -37.88
N SER A 16 18.81 -3.76 -38.88
CA SER A 16 17.73 -3.04 -39.54
C SER A 16 16.50 -2.92 -38.66
N ILE A 17 16.34 -3.80 -37.67
CA ILE A 17 15.19 -3.78 -36.78
C ILE A 17 15.61 -3.59 -35.32
N LYS A 18 16.84 -3.14 -35.10
CA LYS A 18 17.31 -2.93 -33.73
C LYS A 18 16.57 -1.76 -33.09
N GLY A 19 16.41 -1.84 -31.76
CA GLY A 19 15.74 -0.79 -31.02
C GLY A 19 14.82 -1.30 -29.93
N ILE A 20 14.25 -0.38 -29.16
CA ILE A 20 13.36 -0.71 -28.06
C ILE A 20 11.92 -0.65 -28.56
N TYR A 21 11.13 -1.65 -28.19
CA TYR A 21 9.76 -1.75 -28.65
C TYR A 21 8.86 -2.13 -27.48
N GLU A 22 7.59 -1.72 -27.58
CA GLU A 22 6.63 -1.96 -26.51
C GLU A 22 6.09 -3.38 -26.57
N CYS A 23 5.87 -3.95 -25.38
CA CYS A 23 5.34 -5.30 -25.27
C CYS A 23 4.50 -5.40 -24.01
N ALA A 24 3.58 -6.35 -24.00
CA ALA A 24 2.66 -6.55 -22.89
C ALA A 24 3.07 -7.81 -22.15
N ILE A 25 3.91 -7.64 -21.12
CA ILE A 25 4.36 -8.79 -20.33
C ILE A 25 3.19 -9.44 -19.61
N GLY A 26 3.28 -10.75 -19.40
CA GLY A 26 2.22 -11.48 -18.75
C GLY A 26 2.26 -11.41 -17.24
N ASN A 27 1.09 -11.56 -16.61
CA ASN A 27 1.01 -11.55 -15.16
C ASN A 27 1.54 -12.84 -14.55
N PHE A 28 1.34 -13.97 -15.21
CA PHE A 28 1.81 -15.26 -14.75
C PHE A 28 2.95 -15.76 -15.62
N GLY A 29 3.66 -16.78 -15.12
CA GLY A 29 4.79 -17.33 -15.82
C GLY A 29 6.09 -16.59 -15.62
N VAL A 30 6.06 -15.40 -15.04
CA VAL A 30 7.28 -14.63 -14.80
C VAL A 30 7.57 -14.65 -13.30
N PRO A 31 8.82 -14.53 -12.89
CA PRO A 31 9.12 -14.46 -11.46
C PRO A 31 8.82 -13.09 -10.90
N GLN A 32 8.62 -13.06 -9.58
CA GLN A 32 8.38 -11.80 -8.90
C GLN A 32 9.59 -10.88 -9.02
N TYR A 33 10.77 -11.38 -8.67
CA TYR A 33 11.98 -10.58 -8.75
C TYR A 33 12.22 -10.11 -10.18
N GLY A 34 12.83 -8.94 -10.31
CA GLY A 34 13.15 -8.41 -11.62
C GLY A 34 14.45 -8.97 -12.15
N GLY A 35 14.55 -9.01 -13.48
CA GLY A 35 15.73 -9.56 -14.10
C GLY A 35 15.76 -9.30 -15.59
N THR A 36 16.53 -10.13 -16.28
CA THR A 36 16.78 -9.95 -17.70
C THR A 36 16.95 -11.32 -18.36
N LEU A 37 16.34 -11.47 -19.54
CA LEU A 37 16.45 -12.70 -20.33
C LEU A 37 16.84 -12.33 -21.75
N VAL A 38 18.02 -12.77 -22.16
CA VAL A 38 18.56 -12.51 -23.49
C VAL A 38 18.52 -13.81 -24.28
N GLY A 39 17.92 -13.77 -25.46
CA GLY A 39 17.84 -14.96 -26.29
C GLY A 39 17.35 -14.64 -27.68
N THR A 40 17.42 -15.65 -28.54
CA THR A 40 16.99 -15.55 -29.94
C THR A 40 15.58 -16.13 -30.09
N VAL A 41 14.99 -15.91 -31.27
CA VAL A 41 13.60 -16.28 -31.53
C VAL A 41 13.52 -17.30 -32.65
N VAL A 42 12.45 -18.09 -32.64
CA VAL A 42 12.21 -19.14 -33.63
C VAL A 42 10.72 -19.15 -33.97
N TYR A 43 10.39 -19.16 -35.25
CA TYR A 43 9.00 -19.20 -35.71
C TYR A 43 8.69 -20.58 -36.26
N PRO A 44 7.80 -21.35 -35.61
CA PRO A 44 7.55 -22.71 -36.07
C PRO A 44 6.78 -22.72 -37.39
N LYS A 45 6.94 -23.82 -38.12
CA LYS A 45 6.20 -24.02 -39.35
C LYS A 45 4.78 -24.49 -39.07
N SER A 46 4.63 -25.59 -38.35
CA SER A 46 3.34 -26.13 -37.97
C SER A 46 2.99 -25.73 -36.54
N ASN A 47 1.70 -25.74 -36.25
CA ASN A 47 1.17 -25.38 -34.93
C ASN A 47 1.64 -23.98 -34.53
N GLN A 48 1.55 -23.04 -35.47
CA GLN A 48 1.90 -21.66 -35.16
C GLN A 48 0.97 -21.05 -34.13
N LYS A 49 -0.22 -21.66 -33.94
CA LYS A 49 -1.18 -21.20 -32.96
C LYS A 49 -0.89 -21.72 -31.56
N ALA A 50 0.00 -22.71 -31.43
CA ALA A 50 0.35 -23.34 -30.15
C ALA A 50 -0.87 -23.91 -29.44
N CYS A 51 -1.89 -24.29 -30.21
CA CYS A 51 -3.10 -24.85 -29.63
CA CYS A 51 -3.12 -24.86 -29.66
C CYS A 51 -3.01 -26.36 -29.39
N LYS A 52 -2.02 -27.02 -29.98
CA LYS A 52 -1.79 -28.45 -29.78
C LYS A 52 -0.37 -28.65 -29.30
N SER A 53 -0.09 -29.86 -28.81
CA SER A 53 1.24 -30.15 -28.28
C SER A 53 2.26 -30.22 -29.41
N TYR A 54 3.46 -29.70 -29.14
CA TYR A 54 4.51 -29.68 -30.16
C TYR A 54 5.12 -31.06 -30.40
N SER A 55 4.87 -32.03 -29.53
CA SER A 55 5.39 -33.37 -29.76
C SER A 55 4.67 -34.11 -30.88
N ASP A 56 3.46 -33.66 -31.24
CA ASP A 56 2.74 -34.29 -32.34
C ASP A 56 3.39 -33.97 -33.68
N PHE A 57 3.74 -32.69 -33.88
CA PHE A 57 4.43 -32.26 -35.09
C PHE A 57 5.95 -32.45 -34.99
N ASP A 58 6.42 -33.07 -33.92
CA ASP A 58 7.84 -33.40 -33.74
C ASP A 58 8.71 -32.14 -33.71
N ILE A 59 8.23 -31.10 -33.04
CA ILE A 59 8.94 -29.83 -32.95
C ILE A 59 9.46 -29.69 -31.53
N SER A 60 10.78 -29.67 -31.39
CA SER A 60 11.42 -29.43 -30.10
C SER A 60 12.40 -28.27 -30.26
N PHE A 61 12.75 -27.66 -29.13
CA PHE A 61 13.62 -26.49 -29.15
C PHE A 61 15.04 -26.78 -28.71
N LYS A 62 15.25 -27.84 -27.93
CA LYS A 62 16.56 -28.45 -27.68
C LYS A 62 17.61 -27.38 -27.33
N SER A 63 17.51 -26.88 -26.10
CA SER A 63 18.50 -25.95 -25.60
C SER A 63 19.81 -26.68 -25.32
N LYS A 64 20.91 -26.07 -25.71
CA LYS A 64 22.24 -26.65 -25.64
C LYS A 64 23.21 -25.67 -24.97
N PRO A 65 24.35 -26.16 -24.47
CA PRO A 65 25.30 -25.26 -23.78
C PRO A 65 25.79 -24.12 -24.67
N GLY A 66 25.86 -22.93 -24.09
CA GLY A 66 26.25 -21.74 -24.81
C GLY A 66 25.22 -21.18 -25.78
N ARG A 67 24.12 -21.90 -26.02
CA ARG A 67 23.12 -21.46 -26.98
C ARG A 67 22.21 -20.40 -26.39
N LEU A 68 21.78 -19.45 -27.21
CA LEU A 68 20.81 -18.47 -26.79
C LEU A 68 19.47 -19.14 -26.52
N PRO A 69 18.75 -18.72 -25.48
CA PRO A 69 17.39 -19.24 -25.24
C PRO A 69 16.50 -19.13 -26.46
N THR A 70 15.48 -19.97 -26.55
CA THR A 70 14.64 -20.09 -27.74
C THR A 70 13.27 -19.47 -27.45
N PHE A 71 13.13 -18.19 -27.81
CA PHE A 71 11.81 -17.56 -27.81
C PHE A 71 10.99 -18.10 -28.98
N VAL A 72 9.68 -18.19 -28.78
CA VAL A 72 8.78 -18.76 -29.76
C VAL A 72 7.79 -17.69 -30.20
N LEU A 73 7.56 -17.59 -31.50
CA LEU A 73 6.59 -16.65 -32.05
C LEU A 73 5.29 -17.39 -32.31
N ILE A 74 4.25 -17.04 -31.56
CA ILE A 74 2.96 -17.71 -31.63
C ILE A 74 1.94 -16.75 -32.22
N ASP A 75 1.11 -17.25 -33.13
CA ASP A 75 0.01 -16.47 -33.69
C ASP A 75 -1.16 -16.49 -32.73
N ARG A 76 -1.67 -15.30 -32.39
CA ARG A 76 -2.74 -15.19 -31.41
C ARG A 76 -4.05 -15.75 -31.97
N GLY A 77 -4.77 -16.49 -31.14
CA GLY A 77 -6.08 -16.99 -31.48
C GLY A 77 -6.16 -18.50 -31.35
N ASP A 78 -7.41 -18.98 -31.46
CA ASP A 78 -7.75 -20.40 -31.53
C ASP A 78 -7.56 -21.14 -30.20
N CYS A 79 -6.89 -20.50 -29.23
CA CYS A 79 -6.70 -21.11 -27.93
CA CYS A 79 -6.58 -21.13 -27.96
C CYS A 79 -6.27 -20.04 -26.94
N TYR A 80 -6.34 -20.41 -25.66
CA TYR A 80 -6.02 -19.49 -24.58
C TYR A 80 -4.52 -19.25 -24.50
N PHE A 81 -4.14 -18.10 -23.93
CA PHE A 81 -2.73 -17.73 -23.83
C PHE A 81 -1.98 -18.66 -22.89
N THR A 82 -2.60 -19.04 -21.76
CA THR A 82 -1.92 -19.87 -20.78
C THR A 82 -1.59 -21.24 -21.35
N LEU A 83 -2.46 -21.78 -22.19
CA LEU A 83 -2.18 -23.07 -22.80
C LEU A 83 -1.04 -22.99 -23.80
N LYS A 84 -0.89 -21.84 -24.48
CA LYS A 84 0.23 -21.67 -25.40
C LYS A 84 1.56 -21.71 -24.66
N ALA A 85 1.63 -21.05 -23.51
CA ALA A 85 2.87 -21.07 -22.73
C ALA A 85 3.17 -22.47 -22.22
N TRP A 86 2.14 -23.23 -21.85
CA TRP A 86 2.36 -24.57 -21.33
C TRP A 86 2.92 -25.50 -22.41
N ILE A 87 2.43 -25.35 -23.64
CA ILE A 87 2.91 -26.21 -24.73
C ILE A 87 4.37 -25.91 -25.03
N ALA A 88 4.74 -24.63 -25.02
CA ALA A 88 6.13 -24.25 -25.33
C ALA A 88 7.08 -24.68 -24.23
N GLN A 89 6.67 -24.51 -22.97
CA GLN A 89 7.54 -24.89 -21.86
C GLN A 89 7.83 -26.39 -21.86
N GLN A 90 6.88 -27.20 -22.35
CA GLN A 90 7.13 -28.64 -22.44
C GLN A 90 8.21 -28.94 -23.47
N ALA A 91 8.24 -28.20 -24.58
CA ALA A 91 9.25 -28.36 -25.60
C ALA A 91 10.60 -27.78 -25.21
N GLY A 92 10.69 -27.14 -24.04
CA GLY A 92 11.93 -26.54 -23.60
C GLY A 92 12.09 -25.09 -23.96
N ALA A 93 11.04 -24.41 -24.40
CA ALA A 93 11.13 -23.00 -24.75
C ALA A 93 11.39 -22.15 -23.51
N ALA A 94 12.09 -21.04 -23.72
CA ALA A 94 12.40 -20.13 -22.63
C ALA A 94 11.34 -19.07 -22.44
N ALA A 95 10.72 -18.61 -23.52
CA ALA A 95 9.66 -17.61 -23.43
C ALA A 95 8.85 -17.64 -24.72
N ILE A 96 7.61 -17.18 -24.62
CA ILE A 96 6.71 -17.11 -25.76
C ILE A 96 6.49 -15.65 -26.12
N LEU A 97 6.18 -15.42 -27.39
CA LEU A 97 5.92 -14.07 -27.93
C LEU A 97 4.66 -14.14 -28.77
N VAL A 98 3.55 -13.69 -28.22
CA VAL A 98 2.27 -13.73 -28.91
C VAL A 98 2.08 -12.44 -29.68
N ALA A 99 1.81 -12.56 -30.98
CA ALA A 99 1.58 -11.41 -31.86
C ALA A 99 0.09 -11.37 -32.18
N ASP A 100 -0.60 -10.36 -31.65
CA ASP A 100 -2.03 -10.22 -31.86
C ASP A 100 -2.33 -9.92 -33.32
N SER A 101 -3.20 -10.74 -33.93
CA SER A 101 -3.62 -10.48 -35.30
C SER A 101 -4.40 -9.17 -35.40
N LYS A 102 -5.01 -8.74 -34.31
CA LYS A 102 -5.66 -7.43 -34.27
C LYS A 102 -4.61 -6.33 -34.22
N ALA A 103 -4.93 -5.20 -34.84
CA ALA A 103 -3.98 -4.09 -34.96
C ALA A 103 -3.96 -3.18 -33.75
N GLU A 104 -4.87 -3.34 -32.81
CA GLU A 104 -4.89 -2.48 -31.64
C GLU A 104 -3.75 -2.85 -30.69
N PRO A 105 -2.89 -1.89 -30.30
CA PRO A 105 -1.83 -2.22 -29.34
C PRO A 105 -2.30 -2.30 -27.90
N LEU A 106 -3.52 -1.87 -27.60
CA LEU A 106 -4.00 -1.83 -26.22
C LEU A 106 -4.90 -2.99 -25.84
N ILE A 107 -5.48 -3.70 -26.82
CA ILE A 107 -6.36 -4.81 -26.51
C ILE A 107 -5.57 -5.92 -25.82
N THR A 108 -6.11 -6.46 -24.74
CA THR A 108 -5.43 -7.44 -23.91
C THR A 108 -6.44 -8.44 -23.37
N MET A 109 -7.11 -9.15 -24.27
CA MET A 109 -8.04 -10.22 -23.90
C MET A 109 -8.44 -11.05 -25.11
N SER A 117 -7.73 -18.38 -17.49
CA SER A 117 -9.00 -17.92 -16.93
C SER A 117 -9.29 -18.63 -15.61
N ASP A 118 -10.11 -19.68 -15.67
CA ASP A 118 -10.45 -20.43 -14.46
C ASP A 118 -9.19 -21.08 -13.87
N ALA A 119 -9.18 -21.20 -12.55
CA ALA A 119 -8.04 -21.76 -11.82
C ALA A 119 -7.76 -23.18 -12.28
N ASP A 120 -6.64 -23.39 -12.96
CA ASP A 120 -6.26 -24.71 -13.45
C ASP A 120 -4.81 -24.99 -13.08
N TYR A 121 -4.23 -26.03 -13.69
CA TYR A 121 -2.85 -26.43 -13.41
C TYR A 121 -1.91 -25.59 -14.29
N LEU A 122 -1.83 -24.30 -13.95
CA LEU A 122 -0.97 -23.36 -14.63
C LEU A 122 0.10 -22.77 -13.73
N GLN A 123 0.13 -23.14 -12.46
CA GLN A 123 1.15 -22.63 -11.55
C GLN A 123 2.55 -23.11 -11.92
N ASN A 124 2.67 -24.24 -12.62
CA ASN A 124 3.98 -24.75 -13.03
C ASN A 124 4.57 -23.94 -14.19
N ILE A 125 3.79 -23.08 -14.83
CA ILE A 125 4.29 -22.25 -15.92
C ILE A 125 5.28 -21.25 -15.36
N THR A 126 6.55 -21.39 -15.77
CA THR A 126 7.62 -20.52 -15.28
C THR A 126 8.33 -19.79 -16.41
N ILE A 127 7.85 -19.90 -17.64
CA ILE A 127 8.47 -19.19 -18.76
C ILE A 127 7.76 -17.86 -18.94
N PRO A 128 8.49 -16.78 -19.23
CA PRO A 128 7.84 -15.48 -19.44
C PRO A 128 6.96 -15.48 -20.68
N SER A 129 5.90 -14.68 -20.62
CA SER A 129 4.98 -14.51 -21.74
C SER A 129 4.83 -13.02 -22.03
N ALA A 130 4.58 -12.71 -23.30
CA ALA A 130 4.47 -11.32 -23.73
C ALA A 130 3.59 -11.22 -24.96
N LEU A 131 2.90 -10.09 -25.09
CA LEU A 131 2.07 -9.79 -26.25
C LEU A 131 2.68 -8.60 -26.98
N ILE A 132 3.02 -8.81 -28.25
CA ILE A 132 3.68 -7.79 -29.05
C ILE A 132 2.71 -7.29 -30.11
N THR A 133 2.99 -6.07 -30.60
CA THR A 133 2.20 -5.50 -31.66
C THR A 133 2.34 -6.32 -32.93
N LYS A 134 1.28 -6.33 -33.75
CA LYS A 134 1.33 -7.06 -35.01
C LYS A 134 2.40 -6.51 -35.94
N THR A 135 2.70 -5.21 -35.83
CA THR A 135 3.79 -4.63 -36.59
C THR A 135 5.12 -5.26 -36.21
N LEU A 136 5.39 -5.34 -34.91
CA LEU A 136 6.64 -5.95 -34.45
C LEU A 136 6.67 -7.44 -34.74
N GLY A 137 5.51 -8.11 -34.72
CA GLY A 137 5.48 -9.54 -34.98
C GLY A 137 5.81 -9.88 -36.41
N ASP A 138 5.21 -9.17 -37.37
CA ASP A 138 5.49 -9.41 -38.77
C ASP A 138 6.88 -8.94 -39.17
N SER A 139 7.46 -8.00 -38.43
CA SER A 139 8.84 -7.59 -38.69
C SER A 139 9.81 -8.71 -38.37
N ILE A 140 9.47 -9.57 -37.42
CA ILE A 140 10.33 -10.70 -37.09
C ILE A 140 10.13 -11.83 -38.09
N LYS A 141 8.88 -12.06 -38.52
CA LYS A 141 8.61 -13.10 -39.50
C LYS A 141 9.40 -12.87 -40.78
N SER A 142 9.58 -11.60 -41.16
CA SER A 142 10.33 -11.31 -42.37
C SER A 142 11.83 -11.48 -42.15
N ALA A 143 12.32 -11.20 -40.94
CA ALA A 143 13.74 -11.38 -40.67
C ALA A 143 14.11 -12.86 -40.56
N LEU A 144 13.17 -13.70 -40.14
CA LEU A 144 13.44 -15.14 -40.04
C LEU A 144 13.32 -15.84 -41.38
N SER A 145 12.59 -15.26 -42.34
CA SER A 145 12.50 -15.85 -43.67
C SER A 145 13.69 -15.50 -44.54
N GLY A 146 14.40 -14.41 -44.24
CA GLY A 146 15.59 -14.02 -44.98
C GLY A 146 16.88 -14.64 -44.51
N GLY A 147 16.85 -15.43 -43.45
CA GLY A 147 18.04 -16.07 -42.93
C GLY A 147 18.84 -15.26 -41.94
N ASP A 148 18.23 -14.28 -41.28
CA ASP A 148 18.90 -13.41 -40.32
C ASP A 148 18.44 -13.76 -38.91
N MET A 149 19.39 -13.98 -38.02
CA MET A 149 19.08 -14.24 -36.62
C MET A 149 18.50 -13.00 -35.97
N VAL A 150 17.55 -13.21 -35.07
CA VAL A 150 16.91 -12.13 -34.33
C VAL A 150 17.20 -12.37 -32.86
N ASN A 151 18.17 -11.64 -32.32
CA ASN A 151 18.55 -11.72 -30.92
C ASN A 151 17.88 -10.58 -30.16
N MET A 152 17.29 -10.90 -29.01
CA MET A 152 16.47 -9.95 -28.26
C MET A 152 16.88 -9.94 -26.80
N LYS A 153 16.32 -8.98 -26.07
CA LYS A 153 16.52 -8.85 -24.62
C LYS A 153 15.19 -8.45 -24.01
N LEU A 154 14.81 -9.12 -22.92
CA LEU A 154 13.53 -8.89 -22.26
C LEU A 154 13.78 -8.59 -20.79
N ASP A 155 13.39 -7.40 -20.35
CA ASP A 155 13.61 -6.95 -18.98
C ASP A 155 12.24 -6.75 -18.34
N TRP A 156 11.71 -7.80 -17.70
CA TRP A 156 10.47 -7.63 -16.94
C TRP A 156 10.68 -6.61 -15.82
N THR A 157 11.72 -6.81 -15.01
CA THR A 157 12.26 -5.84 -14.07
C THR A 157 11.34 -5.59 -12.87
N GLU A 158 10.03 -5.51 -13.11
CA GLU A 158 9.07 -5.21 -12.05
C GLU A 158 9.13 -6.28 -10.98
N SER A 159 9.06 -5.84 -9.72
CA SER A 159 9.00 -6.76 -8.59
C SER A 159 7.69 -7.52 -8.53
N VAL A 160 6.80 -7.27 -9.48
CA VAL A 160 5.48 -7.89 -9.55
C VAL A 160 4.76 -7.60 -8.24
N PRO A 161 4.11 -6.43 -8.11
CA PRO A 161 3.44 -6.10 -6.85
C PRO A 161 2.21 -6.97 -6.60
N HIS A 162 1.37 -7.10 -7.63
CA HIS A 162 0.07 -7.78 -7.55
C HIS A 162 -0.69 -7.39 -6.28
N PRO A 163 -0.95 -6.10 -6.05
CA PRO A 163 -1.60 -5.69 -4.80
C PRO A 163 -3.09 -5.46 -4.99
N ASP A 164 -3.67 -6.04 -6.03
CA ASP A 164 -5.07 -5.79 -6.35
C ASP A 164 -5.98 -6.29 -5.24
N GLU A 165 -5.67 -7.46 -4.69
CA GLU A 165 -6.42 -8.03 -3.58
C GLU A 165 -5.44 -8.31 -2.44
N ARG A 166 -5.52 -7.49 -1.40
CA ARG A 166 -4.57 -7.55 -0.29
C ARG A 166 -5.36 -7.67 1.01
N VAL A 167 -4.71 -7.35 2.12
CA VAL A 167 -5.30 -7.45 3.45
C VAL A 167 -5.80 -6.07 3.86
N GLU A 168 -7.03 -6.02 4.38
CA GLU A 168 -7.65 -4.79 4.86
C GLU A 168 -7.88 -4.90 6.36
N TYR A 169 -7.30 -3.96 7.12
CA TYR A 169 -7.47 -3.94 8.56
C TYR A 169 -7.93 -2.55 8.99
N GLU A 170 -8.94 -2.51 9.86
CA GLU A 170 -9.52 -1.28 10.35
C GLU A 170 -9.36 -1.24 11.86
N LEU A 171 -8.75 -0.17 12.37
CA LEU A 171 -8.49 -0.02 13.79
C LEU A 171 -9.34 1.12 14.34
N TRP A 172 -9.86 0.93 15.54
CA TRP A 172 -10.71 1.91 16.22
C TRP A 172 -9.97 2.38 17.47
N THR A 173 -9.58 3.66 17.49
CA THR A 173 -8.78 4.21 18.57
C THR A 173 -9.39 5.51 19.06
N ASN A 174 -8.75 6.10 20.06
CA ASN A 174 -9.14 7.39 20.64
C ASN A 174 -7.89 8.19 20.93
N SER A 175 -7.95 9.50 20.69
CA SER A 175 -6.81 10.38 20.90
C SER A 175 -6.61 10.78 22.36
N ASN A 176 -7.44 10.29 23.26
CA ASN A 176 -7.26 10.59 24.68
C ASN A 176 -5.99 9.92 25.21
N ASP A 177 -5.30 10.61 26.11
CA ASP A 177 -4.04 10.13 26.65
C ASP A 177 -3.97 10.12 28.18
N GLU A 178 -5.06 10.47 28.86
CA GLU A 178 -5.06 10.51 30.32
C GLU A 178 -6.10 9.59 30.95
N CYS A 179 -6.73 8.71 30.16
CA CYS A 179 -7.75 7.83 30.70
C CYS A 179 -7.18 6.67 31.51
N GLY A 180 -5.86 6.56 31.63
CA GLY A 180 -5.26 5.48 32.39
C GLY A 180 -4.26 4.68 31.58
N LYS A 181 -4.15 3.38 31.87
CA LYS A 181 -3.25 2.52 31.10
C LYS A 181 -3.87 2.06 29.79
N LYS A 182 -5.20 2.05 29.69
CA LYS A 182 -5.85 1.63 28.46
C LYS A 182 -5.47 2.54 27.30
N CYS A 183 -5.46 3.86 27.53
CA CYS A 183 -5.08 4.79 26.49
CA CYS A 183 -5.07 4.78 26.47
C CYS A 183 -3.57 4.74 26.21
N ASP A 184 -2.77 4.42 27.22
CA ASP A 184 -1.33 4.33 27.01
C ASP A 184 -0.95 3.08 26.24
N THR A 185 -1.70 2.00 26.42
CA THR A 185 -1.43 0.77 25.68
C THR A 185 -1.62 0.97 24.19
N GLN A 186 -2.59 1.81 23.80
CA GLN A 186 -2.83 2.07 22.39
C GLN A 186 -1.72 2.92 21.79
N ILE A 187 -1.25 3.92 22.53
CA ILE A 187 -0.20 4.80 22.01
C ILE A 187 1.10 4.03 21.82
N GLU A 188 1.47 3.21 22.80
CA GLU A 188 2.66 2.36 22.65
C GLU A 188 2.48 1.39 21.49
N PHE A 189 1.24 0.98 21.21
CA PHE A 189 1.00 0.11 20.07
C PHE A 189 1.14 0.88 18.77
N LEU A 190 0.58 2.09 18.70
CA LEU A 190 0.68 2.87 17.47
C LEU A 190 2.12 3.30 17.21
N LYS A 191 2.88 3.58 18.26
CA LYS A 191 4.28 3.95 18.07
C LYS A 191 5.11 2.75 17.62
N ASN A 192 4.78 1.55 18.12
CA ASN A 192 5.54 0.36 17.78
C ASN A 192 5.12 -0.23 16.45
N PHE A 193 3.84 -0.12 16.10
CA PHE A 193 3.30 -0.67 14.87
C PHE A 193 3.41 0.29 13.70
N LYS A 194 3.80 1.55 13.93
CA LYS A 194 3.86 2.53 12.86
C LYS A 194 4.83 2.08 11.76
N GLY A 195 6.02 1.62 12.16
CA GLY A 195 7.01 1.21 11.18
C GLY A 195 6.55 0.03 10.34
N ALA A 196 5.82 -0.89 10.96
CA ALA A 196 5.32 -2.04 10.22
C ALA A 196 4.18 -1.65 9.28
N ALA A 197 3.21 -0.89 9.79
CA ALA A 197 2.05 -0.51 8.99
C ALA A 197 2.43 0.37 7.81
N GLN A 198 3.45 1.22 7.97
CA GLN A 198 3.84 2.10 6.88
C GLN A 198 4.43 1.31 5.71
N ILE A 199 5.36 0.39 6.00
CA ILE A 199 5.96 -0.39 4.93
C ILE A 199 4.94 -1.35 4.34
N LEU A 200 3.95 -1.77 5.13
CA LEU A 200 2.90 -2.63 4.60
C LEU A 200 2.03 -1.88 3.60
N GLU A 201 1.66 -0.64 3.92
CA GLU A 201 0.81 0.10 3.00
C GLU A 201 1.60 0.62 1.81
N LYS A 202 2.87 0.95 2.00
CA LYS A 202 3.69 1.44 0.89
C LYS A 202 3.90 0.36 -0.15
N GLY A 203 4.05 -0.89 0.27
CA GLY A 203 4.17 -2.00 -0.64
C GLY A 203 2.86 -2.49 -1.23
N GLY A 204 1.76 -1.79 -0.97
CA GLY A 204 0.46 -2.22 -1.46
C GLY A 204 -0.09 -3.46 -0.81
N HIS A 205 0.53 -3.93 0.27
CA HIS A 205 0.10 -5.18 0.90
C HIS A 205 -1.10 -4.99 1.84
N THR A 206 -1.37 -3.76 2.28
CA THR A 206 -2.42 -3.53 3.26
C THR A 206 -3.19 -2.26 2.91
N GLN A 207 -4.47 -2.25 3.28
CA GLN A 207 -5.32 -1.07 3.19
C GLN A 207 -5.86 -0.80 4.60
N PHE A 208 -5.29 0.18 5.28
CA PHE A 208 -5.68 0.53 6.63
C PHE A 208 -6.63 1.72 6.62
N THR A 209 -7.70 1.63 7.39
CA THR A 209 -8.64 2.73 7.57
C THR A 209 -8.83 2.96 9.06
N PRO A 210 -8.38 4.10 9.60
CA PRO A 210 -8.64 4.39 11.01
C PRO A 210 -10.08 4.83 11.23
N HIS A 211 -10.67 4.34 12.32
CA HIS A 211 -12.06 4.61 12.63
C HIS A 211 -12.18 5.07 14.08
N TYR A 212 -13.26 5.80 14.36
CA TYR A 212 -13.50 6.39 15.67
C TYR A 212 -14.97 6.22 16.05
N ILE A 213 -15.23 6.28 17.35
CA ILE A 213 -16.55 5.96 17.91
C ILE A 213 -17.15 7.22 18.52
N THR A 214 -18.39 7.53 18.11
CA THR A 214 -19.14 8.64 18.68
C THR A 214 -20.61 8.23 18.82
N TRP A 215 -21.28 8.83 19.79
CA TRP A 215 -22.70 8.61 20.04
C TRP A 215 -23.45 9.92 19.86
N TYR A 216 -24.75 9.91 20.11
CA TYR A 216 -25.54 11.14 20.03
C TYR A 216 -26.30 11.35 21.33
N CYS A 217 -26.67 12.61 21.58
CA CYS A 217 -27.38 12.95 22.80
CA CYS A 217 -27.38 12.95 22.80
C CYS A 217 -28.80 12.39 22.75
N PRO A 218 -29.28 11.75 23.81
CA PRO A 218 -30.66 11.28 23.83
C PRO A 218 -31.63 12.46 23.85
N GLU A 219 -32.87 12.16 23.44
CA GLU A 219 -33.90 13.19 23.37
C GLU A 219 -34.26 13.74 24.74
N ALA A 220 -34.20 12.90 25.78
CA ALA A 220 -34.47 13.36 27.14
C ALA A 220 -33.32 14.16 27.73
N PHE A 221 -32.15 14.12 27.11
CA PHE A 221 -30.99 14.87 27.56
C PHE A 221 -30.59 15.98 26.60
N THR A 222 -31.42 16.25 25.58
CA THR A 222 -31.10 17.29 24.62
C THR A 222 -31.00 18.65 25.31
N LEU A 223 -29.96 19.40 24.97
CA LEU A 223 -29.65 20.73 25.50
C LEU A 223 -29.31 20.73 26.98
N SER A 224 -29.08 19.56 27.58
CA SER A 224 -28.62 19.51 28.95
C SER A 224 -27.13 19.87 29.01
N LYS A 225 -26.66 20.16 30.22
CA LYS A 225 -25.27 20.58 30.37
C LYS A 225 -24.30 19.45 30.04
N GLN A 226 -24.67 18.21 30.37
CA GLN A 226 -23.79 17.08 30.07
C GLN A 226 -23.68 16.86 28.57
N CYS A 227 -24.73 17.14 27.81
CA CYS A 227 -24.69 17.04 26.35
CA CYS A 227 -24.62 17.01 26.36
C CYS A 227 -23.89 18.17 25.72
N LYS A 228 -23.70 19.29 26.44
CA LYS A 228 -22.90 20.39 25.92
C LYS A 228 -21.41 20.14 26.07
N SER A 229 -21.02 19.37 27.09
CA SER A 229 -19.61 19.17 27.38
C SER A 229 -19.00 18.04 26.56
N GLN A 230 -19.79 17.05 26.19
CA GLN A 230 -19.27 15.84 25.56
C GLN A 230 -19.58 15.74 24.08
N CYS A 231 -20.36 16.67 23.52
CA CYS A 231 -20.91 16.47 22.18
C CYS A 231 -20.77 17.74 21.36
N ILE A 232 -20.63 17.54 20.04
CA ILE A 232 -20.52 18.61 19.08
C ILE A 232 -21.68 18.51 18.09
N ASN A 233 -21.81 19.54 17.25
CA ASN A 233 -22.84 19.60 16.21
C ASN A 233 -24.24 19.43 16.80
N HIS A 234 -24.49 20.15 17.89
CA HIS A 234 -25.77 20.10 18.60
C HIS A 234 -26.10 18.67 19.03
N GLY A 235 -25.14 18.01 19.65
CA GLY A 235 -25.37 16.69 20.21
C GLY A 235 -25.50 15.58 19.20
N ARG A 236 -24.87 15.71 18.03
CA ARG A 236 -24.91 14.65 17.03
C ARG A 236 -23.75 13.67 17.17
N TYR A 237 -22.63 14.10 17.77
CA TYR A 237 -21.45 13.26 17.89
C TYR A 237 -20.83 13.50 19.26
N CYS A 238 -20.61 12.42 20.02
CA CYS A 238 -20.28 12.51 21.44
C CYS A 238 -19.09 11.62 21.77
N ALA A 239 -18.60 11.79 23.01
CA ALA A 239 -17.53 10.99 23.60
C ALA A 239 -17.43 11.34 25.07
N PRO A 240 -17.14 10.38 25.94
CA PRO A 240 -17.05 10.68 27.38
C PRO A 240 -15.89 11.61 27.69
N ASP A 241 -16.01 12.29 28.83
CA ASP A 241 -14.95 13.17 29.30
C ASP A 241 -13.71 12.34 29.64
N PRO A 242 -12.51 12.80 29.25
CA PRO A 242 -11.29 12.03 29.57
C PRO A 242 -11.05 11.89 31.06
N GLU A 243 -10.87 13.03 31.73
CA GLU A 243 -10.56 13.02 33.15
C GLU A 243 -11.73 12.51 33.98
N GLN A 244 -12.96 12.63 33.46
CA GLN A 244 -14.22 12.34 34.13
C GLN A 244 -14.52 13.31 35.27
N ASP A 245 -13.63 14.26 35.56
CA ASP A 245 -13.90 15.27 36.58
C ASP A 245 -14.76 16.41 36.04
N PHE A 246 -14.67 16.67 34.73
CA PHE A 246 -15.41 17.71 34.03
C PHE A 246 -14.92 19.11 34.37
N THR A 247 -14.79 19.42 35.66
CA THR A 247 -14.32 20.75 36.07
C THR A 247 -12.91 21.01 35.58
N LYS A 248 -12.02 20.01 35.68
CA LYS A 248 -10.66 20.13 35.18
C LYS A 248 -10.42 19.35 33.90
N GLY A 249 -11.30 18.40 33.56
CA GLY A 249 -11.13 17.63 32.34
C GLY A 249 -11.32 18.48 31.10
N TYR A 250 -10.75 17.98 29.99
CA TYR A 250 -10.83 18.68 28.72
C TYR A 250 -12.20 18.61 28.07
N ASP A 251 -13.13 17.86 28.67
CA ASP A 251 -14.48 17.66 28.14
C ASP A 251 -14.46 16.84 26.86
N GLY A 252 -15.54 16.08 26.62
CA GLY A 252 -15.64 15.23 25.45
C GLY A 252 -15.56 15.97 24.12
N LYS A 253 -15.94 17.24 24.09
CA LYS A 253 -15.91 17.98 22.83
C LYS A 253 -14.52 18.03 22.24
N ASP A 254 -13.51 18.34 23.08
CA ASP A 254 -12.14 18.39 22.58
C ASP A 254 -11.68 17.04 22.07
N VAL A 255 -12.20 15.95 22.65
CA VAL A 255 -11.84 14.63 22.19
C VAL A 255 -12.48 14.33 20.83
N VAL A 256 -13.77 14.67 20.68
CA VAL A 256 -14.45 14.46 19.41
C VAL A 256 -13.80 15.28 18.31
N VAL A 257 -13.30 16.47 18.66
CA VAL A 257 -12.68 17.33 17.65
C VAL A 257 -11.36 16.73 17.18
N GLN A 258 -10.51 16.31 18.13
CA GLN A 258 -9.22 15.76 17.74
C GLN A 258 -9.38 14.40 17.06
N ASN A 259 -10.37 13.62 17.46
CA ASN A 259 -10.65 12.37 16.75
C ASN A 259 -11.06 12.64 15.32
N LEU A 260 -12.03 13.55 15.13
CA LEU A 260 -12.45 13.92 13.79
C LEU A 260 -11.30 14.54 13.00
N ARG A 261 -10.41 15.25 13.68
CA ARG A 261 -9.26 15.82 13.00
C ARG A 261 -8.33 14.72 12.50
N GLN A 262 -8.07 13.72 13.34
CA GLN A 262 -7.22 12.60 12.90
C GLN A 262 -7.89 11.80 11.81
N ALA A 263 -9.20 11.60 11.89
CA ALA A 263 -9.91 10.93 10.82
C ALA A 263 -9.84 11.75 9.53
N CYS A 264 -9.95 13.07 9.64
CA CYS A 264 -9.87 13.93 8.46
C CYS A 264 -8.46 13.95 7.87
N VAL A 265 -7.43 13.86 8.71
CA VAL A 265 -6.07 13.75 8.20
C VAL A 265 -5.95 12.50 7.33
N TYR A 266 -6.61 11.42 7.73
CA TYR A 266 -6.61 10.22 6.89
C TYR A 266 -7.45 10.43 5.64
N ARG A 267 -8.59 11.09 5.76
CA ARG A 267 -9.44 11.31 4.59
C ARG A 267 -8.73 12.14 3.53
N VAL A 268 -7.90 13.08 3.96
CA VAL A 268 -7.14 13.90 3.02
C VAL A 268 -5.98 13.12 2.43
N MET A 269 -5.23 12.41 3.27
CA MET A 269 -4.04 11.72 2.80
C MET A 269 -4.39 10.48 1.97
N ASN A 270 -5.54 9.86 2.23
CA ASN A 270 -5.92 8.70 1.44
C ASN A 270 -6.21 9.09 0.00
N ASP A 271 -6.74 10.30 -0.23
CA ASP A 271 -7.06 10.73 -1.58
C ASP A 271 -5.80 11.11 -2.36
N THR A 272 -4.79 11.65 -1.68
CA THR A 272 -3.52 11.98 -2.33
C THR A 272 -2.64 10.75 -2.51
N GLY A 273 -2.94 9.64 -1.84
CA GLY A 273 -2.16 8.44 -2.00
C GLY A 273 -1.06 8.23 -0.99
N LYS A 274 -1.20 8.80 0.21
CA LYS A 274 -0.22 8.63 1.28
C LYS A 274 -0.95 8.42 2.61
N PRO A 275 -1.63 7.28 2.78
CA PRO A 275 -2.31 7.03 4.05
C PRO A 275 -1.38 6.75 5.21
N TRP A 276 -0.12 6.36 4.94
CA TRP A 276 0.84 6.12 6.01
C TRP A 276 1.18 7.38 6.78
N VAL A 277 0.89 8.56 6.22
CA VAL A 277 1.16 9.81 6.92
C VAL A 277 0.27 9.93 8.17
N TRP A 278 -0.89 9.28 8.16
CA TRP A 278 -1.74 9.26 9.34
C TRP A 278 -0.99 8.70 10.54
N TRP A 279 -0.14 7.70 10.32
CA TRP A 279 0.63 7.12 11.42
C TRP A 279 1.64 8.11 11.97
N ASP A 280 2.36 8.79 11.07
CA ASP A 280 3.31 9.81 11.52
C ASP A 280 2.61 10.97 12.20
N TYR A 281 1.33 11.19 11.90
CA TYR A 281 0.61 12.29 12.52
C TYR A 281 0.15 11.94 13.94
N VAL A 282 -0.45 10.77 14.11
CA VAL A 282 -1.00 10.42 15.42
C VAL A 282 0.11 10.12 16.41
N THR A 283 1.26 9.63 15.94
CA THR A 283 2.37 9.38 16.86
C THR A 283 3.02 10.69 17.29
N ASP A 284 3.27 11.59 16.33
CA ASP A 284 3.77 12.91 16.68
C ASP A 284 2.74 13.72 17.46
N PHE A 285 1.46 13.40 17.32
CA PHE A 285 0.44 14.10 18.08
C PHE A 285 0.54 13.78 19.56
N ALA A 286 0.85 12.53 19.90
CA ALA A 286 1.02 12.13 21.28
C ALA A 286 2.34 12.62 21.87
N ILE A 287 3.29 13.03 21.03
CA ILE A 287 4.60 13.47 21.50
C ILE A 287 4.66 14.99 21.62
N ARG A 288 4.00 15.70 20.72
CA ARG A 288 4.14 17.15 20.64
C ARG A 288 2.97 17.91 21.25
N CYS A 289 1.78 17.32 21.31
CA CYS A 289 0.58 17.99 21.80
C CYS A 289 -0.06 17.16 22.91
N PRO A 290 0.50 17.19 24.11
CA PRO A 290 -0.10 16.48 25.23
C PRO A 290 -1.14 17.34 25.95
N MET A 291 -1.93 16.68 26.79
CA MET A 291 -2.94 17.38 27.58
C MET A 291 -2.35 17.97 28.85
N LYS A 292 -1.32 17.33 29.42
CA LYS A 292 -0.74 17.83 30.65
C LYS A 292 -0.07 19.18 30.45
N GLU A 293 0.68 19.33 29.35
CA GLU A 293 1.31 20.60 29.02
C GLU A 293 0.34 21.63 28.46
N LYS A 294 -0.96 21.32 28.45
CA LYS A 294 -2.00 22.18 27.88
C LYS A 294 -1.76 22.46 26.40
N LYS A 295 -0.94 21.65 25.74
CA LYS A 295 -0.72 21.76 24.30
C LYS A 295 -1.74 20.97 23.49
N TYR A 296 -2.82 20.51 24.13
CA TYR A 296 -3.88 19.77 23.46
C TYR A 296 -4.85 20.75 22.78
N THR A 297 -4.29 21.60 21.94
CA THR A 297 -5.01 22.68 21.29
C THR A 297 -5.02 22.46 19.79
N LYS A 298 -5.89 23.22 19.10
CA LYS A 298 -5.90 23.19 17.65
C LYS A 298 -4.63 23.79 17.06
N GLU A 299 -4.05 24.80 17.73
CA GLU A 299 -2.84 25.43 17.23
C GLU A 299 -1.69 24.44 17.17
N CYS A 300 -1.48 23.69 18.25
CA CYS A 300 -0.42 22.69 18.28
CA CYS A 300 -0.39 22.72 18.25
C CYS A 300 -0.67 21.58 17.25
N ALA A 301 -1.93 21.22 17.06
CA ALA A 301 -2.26 20.16 16.11
C ALA A 301 -2.03 20.62 14.68
N ASP A 302 -2.35 21.88 14.38
CA ASP A 302 -2.08 22.44 13.07
C ASP A 302 -0.59 22.56 12.80
N GLY A 303 0.24 22.67 13.84
CA GLY A 303 1.68 22.69 13.62
C GLY A 303 2.20 21.37 13.07
N ILE A 304 1.65 20.26 13.55
CA ILE A 304 2.04 18.95 13.01
C ILE A 304 1.56 18.81 11.58
N ILE A 305 0.36 19.32 11.29
CA ILE A 305 -0.16 19.29 9.92
C ILE A 305 0.75 20.08 8.99
N LYS A 306 1.34 21.17 9.48
CA LYS A 306 2.25 21.95 8.65
C LYS A 306 3.62 21.32 8.57
N SER A 307 4.06 20.65 9.64
CA SER A 307 5.39 20.05 9.64
C SER A 307 5.46 18.88 8.68
N LEU A 308 4.37 18.11 8.58
CA LEU A 308 4.33 16.94 7.72
C LEU A 308 3.87 17.27 6.30
N GLY A 309 3.70 18.54 5.97
CA GLY A 309 3.23 18.96 4.67
C GLY A 309 1.80 18.58 4.36
N ILE A 310 1.01 18.20 5.37
CA ILE A 310 -0.38 17.86 5.14
C ILE A 310 -1.15 19.11 4.75
N ASP A 311 -2.05 18.97 3.76
CA ASP A 311 -2.87 20.10 3.33
C ASP A 311 -3.90 20.42 4.40
N LEU A 312 -3.81 21.63 4.96
CA LEU A 312 -4.69 22.01 6.06
C LEU A 312 -6.07 22.43 5.58
N LYS A 313 -6.18 23.02 4.38
CA LYS A 313 -7.48 23.43 3.87
C LYS A 313 -8.40 22.22 3.70
N LYS A 314 -7.89 21.13 3.12
CA LYS A 314 -8.70 19.94 2.95
C LYS A 314 -9.07 19.31 4.29
N VAL A 315 -8.29 19.57 5.34
CA VAL A 315 -8.61 19.02 6.66
C VAL A 315 -9.71 19.83 7.32
N ASP A 316 -9.56 21.16 7.36
CA ASP A 316 -10.57 21.99 8.00
C ASP A 316 -11.89 21.96 7.24
N LYS A 317 -11.83 21.68 5.93
CA LYS A 317 -13.07 21.48 5.18
C LYS A 317 -13.72 20.16 5.55
N CYS A 318 -12.91 19.11 5.71
CA CYS A 318 -13.44 17.83 6.16
C CYS A 318 -14.04 17.94 7.55
N ILE A 319 -13.39 18.73 8.42
CA ILE A 319 -13.92 18.94 9.77
C ILE A 319 -15.21 19.76 9.69
N GLY A 320 -15.19 20.83 8.93
CA GLY A 320 -16.37 21.66 8.77
C GLY A 320 -16.65 22.47 10.03
N ASP A 321 -17.93 22.79 10.21
CA ASP A 321 -18.35 23.58 11.35
C ASP A 321 -18.38 22.71 12.59
N PRO A 322 -17.58 23.00 13.61
CA PRO A 322 -17.61 22.17 14.82
C PRO A 322 -18.90 22.31 15.60
N GLU A 323 -19.62 23.43 15.47
CA GLU A 323 -20.87 23.65 16.18
C GLU A 323 -21.92 24.15 15.18
N ALA A 324 -22.70 23.21 14.64
CA ALA A 324 -23.78 23.53 13.73
C ALA A 324 -24.71 22.33 13.68
N ASP A 325 -26.00 22.61 13.46
CA ASP A 325 -26.99 21.53 13.41
C ASP A 325 -26.79 20.63 12.20
N VAL A 326 -25.85 20.94 11.30
CA VAL A 326 -25.57 20.07 10.18
C VAL A 326 -24.83 18.83 10.66
N GLU A 327 -24.83 17.81 9.81
CA GLU A 327 -24.17 16.54 10.12
C GLU A 327 -22.81 16.48 9.42
N ASN A 328 -21.81 16.03 10.15
CA ASN A 328 -20.48 15.85 9.57
C ASN A 328 -20.45 14.56 8.75
N PRO A 329 -20.03 14.63 7.47
CA PRO A 329 -20.07 13.41 6.64
C PRO A 329 -19.13 12.32 7.10
N VAL A 330 -17.96 12.68 7.63
CA VAL A 330 -17.00 11.68 8.07
C VAL A 330 -17.48 11.02 9.36
N LEU A 331 -17.93 11.82 10.32
CA LEU A 331 -18.45 11.27 11.57
C LEU A 331 -19.74 10.51 11.35
N LYS A 332 -20.53 10.89 10.35
CA LYS A 332 -21.70 10.10 9.99
C LYS A 332 -21.29 8.78 9.35
N ALA A 333 -20.30 8.83 8.46
CA ALA A 333 -19.78 7.59 7.87
C ALA A 333 -19.07 6.73 8.91
N GLU A 334 -18.56 7.35 9.98
CA GLU A 334 -17.90 6.60 11.04
C GLU A 334 -18.92 5.91 11.94
N GLN A 335 -19.95 6.65 12.37
CA GLN A 335 -21.03 6.02 13.13
C GLN A 335 -21.75 4.97 12.30
N GLU A 336 -21.84 5.17 10.98
CA GLU A 336 -22.40 4.15 10.11
C GLU A 336 -21.44 2.98 9.94
N SER A 337 -20.13 3.24 9.92
CA SER A 337 -19.17 2.15 9.80
C SER A 337 -19.20 1.23 11.02
N GLN A 338 -19.77 1.68 12.14
CA GLN A 338 -19.84 0.83 13.32
C GLN A 338 -20.86 -0.28 13.17
N ILE A 339 -21.84 -0.13 12.28
CA ILE A 339 -22.92 -1.10 12.19
C ILE A 339 -22.42 -2.37 11.51
N GLY A 340 -22.97 -3.51 11.92
CA GLY A 340 -22.55 -4.80 11.39
C GLY A 340 -22.84 -4.93 9.92
N LYS A 341 -21.79 -5.00 9.11
CA LYS A 341 -21.91 -5.10 7.66
C LYS A 341 -21.53 -6.51 7.22
N GLY A 342 -22.35 -7.47 7.62
CA GLY A 342 -22.14 -8.85 7.23
C GLY A 342 -21.53 -9.71 8.31
N SER A 343 -20.39 -10.33 8.00
CA SER A 343 -19.74 -11.23 8.94
C SER A 343 -18.99 -10.51 10.05
N ARG A 344 -18.74 -9.21 9.89
CA ARG A 344 -17.94 -8.49 10.87
C ARG A 344 -18.69 -8.31 12.18
N GLY A 345 -19.99 -8.02 12.11
CA GLY A 345 -20.75 -7.75 13.31
C GLY A 345 -20.53 -6.33 13.81
N ASP A 346 -21.29 -5.99 14.85
CA ASP A 346 -21.22 -4.65 15.41
C ASP A 346 -19.90 -4.44 16.14
N VAL A 347 -19.45 -3.19 16.15
CA VAL A 347 -18.20 -2.80 16.79
C VAL A 347 -18.57 -2.00 18.04
N THR A 348 -18.49 -2.65 19.20
CA THR A 348 -18.84 -2.04 20.48
C THR A 348 -17.64 -1.69 21.34
N ILE A 349 -16.59 -2.50 21.32
CA ILE A 349 -15.42 -2.27 22.15
C ILE A 349 -14.61 -1.12 21.58
N LEU A 350 -14.02 -0.30 22.47
CA LEU A 350 -13.28 0.87 22.00
C LEU A 350 -12.01 0.48 21.26
N PRO A 351 -11.09 -0.29 21.85
CA PRO A 351 -9.92 -0.71 21.04
C PRO A 351 -10.18 -1.99 20.25
N THR A 352 -10.86 -1.85 19.11
CA THR A 352 -11.25 -2.98 18.29
C THR A 352 -10.50 -2.93 16.96
N LEU A 353 -9.98 -4.08 16.54
CA LEU A 353 -9.33 -4.21 15.24
C LEU A 353 -10.05 -5.27 14.43
N VAL A 354 -10.29 -4.97 13.16
CA VAL A 354 -11.00 -5.86 12.25
C VAL A 354 -10.10 -6.12 11.05
N VAL A 355 -9.72 -7.38 10.86
CA VAL A 355 -8.85 -7.80 9.77
C VAL A 355 -9.64 -8.68 8.82
N ASN A 356 -9.68 -8.31 7.54
CA ASN A 356 -10.43 -9.06 6.52
C ASN A 356 -11.90 -9.21 6.92
N ASN A 357 -12.48 -8.12 7.39
CA ASN A 357 -13.90 -8.04 7.78
C ASN A 357 -14.25 -9.04 8.87
N ARG A 358 -13.28 -9.49 9.65
CA ARG A 358 -13.55 -10.30 10.82
C ARG A 358 -12.69 -9.78 11.96
N GLN A 359 -13.30 -9.65 13.14
CA GLN A 359 -12.68 -8.94 14.25
C GLN A 359 -11.47 -9.70 14.79
N TYR A 360 -10.77 -9.05 15.73
CA TYR A 360 -9.52 -9.56 16.29
C TYR A 360 -9.61 -9.52 17.81
N ARG A 361 -9.36 -10.66 18.45
CA ARG A 361 -9.45 -10.77 19.90
C ARG A 361 -8.11 -10.98 20.58
N GLY A 362 -7.05 -11.30 19.83
CA GLY A 362 -5.76 -11.54 20.42
C GLY A 362 -5.15 -10.29 21.02
N LYS A 363 -3.99 -10.48 21.64
CA LYS A 363 -3.31 -9.38 22.31
C LYS A 363 -2.88 -8.31 21.31
N LEU A 364 -2.68 -7.10 21.82
CA LEU A 364 -2.32 -5.95 20.99
C LEU A 364 -0.84 -5.89 20.65
N GLU A 365 -0.09 -6.96 20.89
CA GLU A 365 1.33 -6.98 20.52
C GLU A 365 1.48 -6.85 19.02
N LYS A 366 2.55 -6.17 18.59
CA LYS A 366 2.79 -5.99 17.16
C LYS A 366 2.96 -7.34 16.46
N GLY A 367 3.80 -8.21 17.03
CA GLY A 367 3.96 -9.53 16.46
C GLY A 367 2.67 -10.34 16.45
N ALA A 368 1.80 -10.11 17.43
CA ALA A 368 0.52 -10.80 17.45
C ALA A 368 -0.40 -10.29 16.35
N VAL A 369 -0.42 -8.97 16.14
CA VAL A 369 -1.23 -8.40 15.07
C VAL A 369 -0.67 -8.80 13.71
N LEU A 370 0.67 -8.84 13.59
CA LEU A 370 1.29 -9.24 12.34
C LEU A 370 0.96 -10.69 12.01
N LYS A 371 1.16 -11.59 12.98
CA LYS A 371 0.90 -13.00 12.73
C LYS A 371 -0.55 -13.23 12.30
N ALA A 372 -1.48 -12.41 12.79
CA ALA A 372 -2.87 -12.54 12.38
C ALA A 372 -3.09 -12.00 10.97
N MET A 373 -2.32 -11.00 10.56
CA MET A 373 -2.49 -10.44 9.22
C MET A 373 -1.79 -11.27 8.15
N CYS A 374 -0.69 -11.95 8.50
CA CYS A 374 0.02 -12.77 7.52
C CYS A 374 -0.77 -14.03 7.15
N SER A 375 -1.86 -14.33 7.86
CA SER A 375 -2.70 -15.47 7.50
C SER A 375 -3.54 -15.20 6.26
N GLY A 376 -3.91 -13.95 6.02
CA GLY A 376 -4.64 -13.63 4.80
C GLY A 376 -3.78 -13.69 3.55
N PHE A 377 -2.48 -13.43 3.70
CA PHE A 377 -1.58 -13.51 2.55
C PHE A 377 -1.33 -14.95 2.16
N GLN A 378 -1.20 -15.18 0.86
CA GLN A 378 -0.84 -16.50 0.37
C GLN A 378 0.68 -16.68 0.44
N GLU A 379 1.10 -17.93 0.30
CA GLU A 379 2.53 -18.22 0.29
C GLU A 379 3.15 -17.70 -1.01
N SER A 380 4.43 -17.36 -0.94
CA SER A 380 5.22 -16.74 -1.99
C SER A 380 4.79 -15.31 -2.28
N THR A 381 3.81 -14.79 -1.56
CA THR A 381 3.41 -13.40 -1.67
C THR A 381 3.45 -12.67 -0.34
N GLU A 382 3.90 -13.32 0.73
CA GLU A 382 3.97 -12.67 2.03
C GLU A 382 5.00 -11.53 1.98
N PRO A 383 4.69 -10.38 2.56
CA PRO A 383 5.63 -9.26 2.51
C PRO A 383 6.90 -9.56 3.29
N ALA A 384 7.87 -8.67 3.15
CA ALA A 384 9.14 -8.84 3.85
C ALA A 384 8.94 -8.80 5.36
N ILE A 385 8.06 -7.92 5.84
CA ILE A 385 7.80 -7.82 7.28
C ILE A 385 7.18 -9.11 7.80
N CYS A 386 6.27 -9.70 7.03
CA CYS A 386 5.60 -10.92 7.48
C CYS A 386 6.55 -12.09 7.61
N LEU A 387 7.59 -12.15 6.77
CA LEU A 387 8.49 -13.29 6.75
C LEU A 387 9.58 -13.15 7.80
N THR A 388 9.17 -12.81 9.04
CA THR A 388 10.08 -12.68 10.19
C THR A 388 11.35 -11.91 9.82
N GLU A 389 11.18 -10.81 9.09
CA GLU A 389 12.28 -9.92 8.75
C GLU A 389 11.93 -8.52 9.22
N ASP A 390 12.89 -7.86 9.87
CA ASP A 390 12.70 -6.53 10.44
C ASP A 390 13.43 -5.50 9.58
N LEU A 391 12.70 -4.46 9.16
CA LEU A 391 13.22 -3.46 8.24
C LEU A 391 12.86 -2.07 8.75
N GLU A 392 13.59 -1.07 8.25
CA GLU A 392 13.35 0.32 8.61
C GLU A 392 12.49 1.01 7.54
N THR A 393 12.02 2.21 7.89
CA THR A 393 11.19 3.00 7.00
C THR A 393 12.06 3.85 6.09
N ASN A 394 11.42 4.73 5.29
CA ASN A 394 12.12 5.52 4.29
C ASN A 394 11.55 6.93 4.20
N GLU A 395 11.02 7.45 5.32
CA GLU A 395 10.42 8.77 5.33
C GLU A 395 11.44 9.88 5.55
N CYS A 396 12.68 9.53 5.91
CA CYS A 396 13.71 10.52 6.20
C CYS A 396 14.13 11.30 4.97
N LEU A 397 13.81 10.80 3.77
CA LEU A 397 14.35 11.35 2.54
C LEU A 397 13.56 12.54 2.00
N GLU A 398 12.33 12.74 2.46
CA GLU A 398 11.47 13.81 1.95
C GLU A 398 11.14 14.76 3.10
N ASN A 399 11.48 16.04 2.92
CA ASN A 399 11.28 17.08 3.94
C ASN A 399 11.99 16.74 5.24
N ASN A 400 12.99 15.84 5.17
CA ASN A 400 13.67 15.34 6.36
C ASN A 400 12.66 14.74 7.34
N GLY A 401 11.61 14.12 6.80
CA GLY A 401 10.56 13.55 7.61
C GLY A 401 9.83 14.56 8.47
N GLY A 402 9.96 15.84 8.17
CA GLY A 402 9.40 16.87 9.03
C GLY A 402 10.11 16.99 10.35
N CYS A 403 11.41 16.69 10.39
CA CYS A 403 12.22 16.80 11.58
C CYS A 403 13.20 17.96 11.45
N TRP A 404 13.75 18.37 12.59
CA TRP A 404 14.75 19.43 12.62
C TRP A 404 15.96 19.06 11.76
N GLN A 405 16.65 20.06 11.24
CA GLN A 405 17.80 19.80 10.39
C GLN A 405 18.70 21.03 10.35
N ASP A 406 20.00 20.78 10.29
CA ASP A 406 21.03 21.80 10.12
C ASP A 406 21.87 21.40 8.91
N LYS A 407 21.64 22.06 7.78
CA LYS A 407 22.36 21.69 6.56
C LYS A 407 23.83 22.06 6.65
N ALA A 408 24.17 23.07 7.45
CA ALA A 408 25.57 23.50 7.58
C ALA A 408 26.45 22.45 8.26
N ALA A 409 25.87 21.37 8.79
CA ALA A 409 26.64 20.35 9.47
C ALA A 409 26.25 18.94 9.04
N ASN A 410 25.42 18.79 8.00
CA ASN A 410 25.00 17.48 7.50
C ASN A 410 24.30 16.66 8.58
N ILE A 411 23.67 17.35 9.54
CA ILE A 411 23.12 16.73 10.73
C ILE A 411 21.64 17.05 10.81
N THR A 412 20.81 16.01 10.97
CA THR A 412 19.37 16.16 11.06
C THR A 412 18.86 15.41 12.28
N ALA A 413 17.67 15.79 12.73
CA ALA A 413 16.99 15.13 13.83
C ALA A 413 16.12 13.96 13.38
N CYS A 414 16.01 13.71 12.08
CA CYS A 414 15.24 12.58 11.59
C CYS A 414 16.03 11.28 11.75
N ARG A 415 15.32 10.20 12.03
CA ARG A 415 15.92 8.87 12.09
C ARG A 415 14.85 7.85 11.76
N ASP A 416 15.07 7.07 10.69
CA ASP A 416 14.15 6.02 10.30
C ASP A 416 14.49 4.73 11.06
N THR A 417 13.49 4.16 11.72
CA THR A 417 13.67 2.94 12.52
C THR A 417 12.57 1.95 12.16
N PHE A 418 12.57 0.82 12.88
CA PHE A 418 11.52 -0.19 12.72
C PHE A 418 10.19 0.29 13.27
N ARG A 419 10.21 1.31 14.12
CA ARG A 419 9.00 1.95 14.62
C ARG A 419 8.54 3.12 13.76
N GLY A 420 9.24 3.41 12.67
CA GLY A 420 8.93 4.54 11.83
C GLY A 420 9.89 5.70 12.05
N ARG A 421 9.63 6.78 11.33
CA ARG A 421 10.45 7.98 11.47
C ARG A 421 10.26 8.59 12.86
N LEU A 422 11.36 9.02 13.46
CA LEU A 422 11.33 9.63 14.79
C LEU A 422 12.21 10.88 14.80
N CYS A 423 11.64 12.01 15.21
CA CYS A 423 12.36 13.28 15.21
C CYS A 423 13.00 13.56 16.57
N GLU A 424 13.91 12.68 16.96
CA GLU A 424 14.65 12.89 18.20
C GLU A 424 15.93 13.66 17.90
N CYS A 425 16.30 14.53 18.84
CA CYS A 425 17.48 15.35 18.68
C CYS A 425 18.71 14.47 18.42
N PRO A 426 19.55 14.82 17.47
CA PRO A 426 20.74 14.00 17.20
C PRO A 426 21.86 14.28 18.19
N THR A 427 22.78 13.33 18.26
CA THR A 427 23.98 13.43 19.09
C THR A 427 25.19 13.66 18.20
N VAL A 428 25.84 14.79 18.37
CA VAL A 428 26.94 15.22 17.50
C VAL A 428 28.21 15.28 18.33
N GLN A 429 29.23 14.54 17.89
CA GLN A 429 30.55 14.54 18.52
C GLN A 429 30.46 14.15 19.99
N GLY A 430 29.54 13.26 20.34
CA GLY A 430 29.30 12.88 21.71
C GLY A 430 28.41 13.80 22.51
N VAL A 431 28.17 15.02 22.04
CA VAL A 431 27.33 15.97 22.75
C VAL A 431 25.87 15.68 22.42
N LYS A 432 25.11 15.31 23.43
CA LYS A 432 23.68 15.05 23.25
C LYS A 432 22.96 16.39 23.16
N PHE A 433 22.57 16.76 21.95
CA PHE A 433 21.78 17.97 21.76
C PHE A 433 20.42 17.81 22.43
N VAL A 434 20.02 18.82 23.20
CA VAL A 434 18.76 18.83 23.92
C VAL A 434 17.85 19.88 23.28
N GLY A 435 16.76 19.43 22.66
CA GLY A 435 15.85 20.35 22.03
C GLY A 435 14.47 19.74 21.92
N ASP A 436 13.56 20.49 21.33
CA ASP A 436 12.16 20.06 21.19
C ASP A 436 11.94 19.35 19.85
N GLY A 437 12.64 18.22 19.71
CA GLY A 437 12.48 17.36 18.55
C GLY A 437 12.70 18.04 17.21
N TYR A 438 11.61 18.29 16.48
CA TYR A 438 11.68 18.99 15.19
C TYR A 438 11.69 20.49 15.34
N THR A 439 10.92 21.04 16.27
CA THR A 439 10.76 22.49 16.36
C THR A 439 12.10 23.19 16.47
N HIS A 440 13.05 22.60 17.21
CA HIS A 440 14.40 23.12 17.29
C HIS A 440 15.26 22.06 17.96
N CYS A 441 16.58 22.20 17.80
CA CYS A 441 17.52 21.34 18.48
C CYS A 441 18.81 22.11 18.71
N LYS A 442 19.35 22.02 19.92
CA LYS A 442 20.52 22.80 20.30
C LYS A 442 21.29 22.03 21.36
N ALA A 443 22.61 22.18 21.33
CA ALA A 443 23.48 21.50 22.29
C ALA A 443 23.39 22.15 23.67
#